data_6H4D
#
_entry.id   6H4D
#
_cell.length_a   146.405
_cell.length_b   146.405
_cell.length_c   146.405
_cell.angle_alpha   90.000
_cell.angle_beta   90.000
_cell.angle_gamma   90.000
#
_symmetry.space_group_name_H-M   'P 41 3 2'
#
loop_
_entity.id
_entity.type
_entity.pdbx_description
1 polymer 'Small ribosomal subunit biogenesis GTPase RsgA'
2 non-polymer 'ZINC ION'
3 non-polymer "GUANOSINE-5'-DIPHOSPHATE"
4 water water
#
_entity_poly.entity_id   1
_entity_poly.type   'polypeptide(L)'
_entity_poly.pdbx_seq_one_letter_code
;MAKRHLTRRQSWRIEKIQEERAARAARRESRAVEELEGGDLGPEQTGQVIAHFGVQVEVESADGQVSRCHLRANLPALVT
GDQVVWRAGNQGIGVIVAQLPRRSELCRPDMRGLLKPVAANVDRIVIVFAPRPEPHANLIDRYLIAAEHAGIQPLLLLNK
ADLVDESNAEGIDALLNVYRTLGYPLIEVSAFNGLAMDELRGALDGHVSVFVGQSGVGKSSLVNALLPGVDTRVGDLSTV
TGKGTHTTTTARLFHFPGGGDLIDSPGIREFGLGHVSRDDVEAGFIEFRDLLGHCRFRDCKHDREPGCALLQALEDGRIM
PQRMASYRHILASMPETDY
;
_entity_poly.pdbx_strand_id   A
#
# COMPACT_ATOMS: atom_id res chain seq x y z
N ASP A 40 5.78 38.65 14.94
CA ASP A 40 4.44 38.44 14.40
C ASP A 40 4.18 36.97 14.07
N LEU A 41 3.01 36.49 14.47
CA LEU A 41 2.49 35.18 14.06
C LEU A 41 0.98 35.10 14.33
N GLY A 42 0.19 34.65 13.34
CA GLY A 42 -1.25 34.50 13.52
C GLY A 42 -1.58 33.35 14.47
N PRO A 43 -2.88 33.08 14.69
CA PRO A 43 -3.25 31.99 15.63
C PRO A 43 -2.90 30.59 15.13
N GLU A 44 -3.12 29.57 15.94
CA GLU A 44 -2.82 28.20 15.53
C GLU A 44 -3.90 27.64 14.61
N GLN A 45 -3.49 26.74 13.73
CA GLN A 45 -4.39 26.10 12.77
C GLN A 45 -4.08 24.63 12.60
N THR A 46 -5.07 23.89 12.08
CA THR A 46 -4.90 22.47 11.78
C THR A 46 -4.89 22.27 10.25
N GLY A 47 -3.90 21.53 9.76
CA GLY A 47 -3.76 21.32 8.33
C GLY A 47 -3.02 20.03 7.98
N GLN A 48 -2.98 19.72 6.68
CA GLN A 48 -2.34 18.52 6.16
C GLN A 48 -1.21 18.88 5.20
N VAL A 49 -0.12 18.12 5.23
CA VAL A 49 1.04 18.35 4.37
C VAL A 49 0.82 17.86 2.94
N ILE A 50 1.05 18.72 1.96
CA ILE A 50 0.83 18.44 0.53
C ILE A 50 2.12 18.18 -0.24
N ALA A 51 3.12 19.05 -0.06
CA ALA A 51 4.43 18.87 -0.68
C ALA A 51 5.55 19.22 0.30
N HIS A 52 6.76 18.76 0.02
CA HIS A 52 7.89 19.07 0.89
C HIS A 52 9.03 19.69 0.07
N PHE A 53 9.15 21.01 0.13
CA PHE A 53 10.18 21.76 -0.58
C PHE A 53 11.42 22.00 0.30
N GLY A 54 11.92 20.95 0.94
CA GLY A 54 13.12 21.03 1.77
C GLY A 54 12.97 21.82 3.06
N VAL A 55 13.37 23.08 3.04
CA VAL A 55 13.23 23.97 4.18
C VAL A 55 11.77 24.37 4.36
N GLN A 56 11.02 24.39 3.27
CA GLN A 56 9.62 24.83 3.29
C GLN A 56 8.66 23.67 3.04
N VAL A 57 7.41 23.86 3.45
CA VAL A 57 6.37 22.84 3.31
C VAL A 57 5.04 23.42 2.82
N GLU A 58 4.51 22.88 1.73
CA GLU A 58 3.19 23.26 1.24
C GLU A 58 2.11 22.64 2.14
N VAL A 59 1.16 23.44 2.60
CA VAL A 59 0.12 22.96 3.52
C VAL A 59 -1.29 23.41 3.11
N GLU A 60 -2.22 22.46 3.07
CA GLU A 60 -3.63 22.71 2.76
C GLU A 60 -4.52 22.60 4.00
N SER A 61 -5.46 23.53 4.15
CA SER A 61 -6.39 23.51 5.28
C SER A 61 -7.75 22.95 4.91
N ALA A 62 -8.64 22.86 5.90
CA ALA A 62 -10.00 22.37 5.68
C ALA A 62 -10.77 23.32 4.78
N ASP A 63 -10.40 24.60 4.82
CA ASP A 63 -11.01 25.61 3.98
C ASP A 63 -10.77 25.31 2.50
N GLY A 64 -9.69 24.60 2.21
CA GLY A 64 -9.33 24.28 0.85
C GLY A 64 -8.30 25.26 0.30
N GLN A 65 -7.69 26.03 1.20
CA GLN A 65 -6.65 26.99 0.84
C GLN A 65 -5.25 26.46 1.17
N VAL A 66 -4.27 26.79 0.32
CA VAL A 66 -2.90 26.32 0.48
C VAL A 66 -1.95 27.45 0.90
N SER A 67 -0.98 27.13 1.76
CA SER A 67 0.01 28.11 2.24
C SER A 67 1.37 27.45 2.46
N ARG A 68 2.44 28.18 2.21
CA ARG A 68 3.79 27.69 2.48
C ARG A 68 4.19 28.03 3.91
N CYS A 69 4.78 27.05 4.61
CA CYS A 69 5.16 27.21 6.00
C CYS A 69 6.59 26.77 6.24
N HIS A 70 7.32 27.58 7.00
CA HIS A 70 8.67 27.22 7.39
C HIS A 70 8.63 26.14 8.45
N LEU A 71 9.73 25.41 8.60
CA LEU A 71 9.77 24.32 9.56
C LEU A 71 10.48 24.78 10.82
N ARG A 72 9.74 24.78 11.93
CA ARG A 72 10.31 25.04 13.25
C ARG A 72 11.40 24.02 13.54
N ALA A 73 12.43 24.44 14.29
CA ALA A 73 13.63 23.63 14.48
C ALA A 73 13.37 22.31 15.19
N ASN A 74 12.76 22.37 16.38
CA ASN A 74 12.51 21.19 17.20
C ASN A 74 11.72 20.09 16.49
N LEU A 75 10.98 20.46 15.45
CA LEU A 75 10.06 19.57 14.78
C LEU A 75 10.70 18.32 14.20
N PRO A 76 10.09 17.16 14.50
CA PRO A 76 10.47 15.86 13.95
C PRO A 76 10.45 15.88 12.41
N ALA A 77 10.91 14.81 11.76
CA ALA A 77 10.90 14.80 10.30
C ALA A 77 9.47 14.70 9.79
N LEU A 78 9.18 15.44 8.72
CA LEU A 78 7.84 15.49 8.13
C LEU A 78 7.84 14.85 6.73
N VAL A 79 6.74 14.18 6.40
CA VAL A 79 6.54 13.68 5.04
C VAL A 79 5.15 14.05 4.53
N THR A 80 4.89 13.85 3.24
CA THR A 80 3.60 14.17 2.66
C THR A 80 2.51 13.29 3.26
N GLY A 81 1.37 13.89 3.62
CA GLY A 81 0.27 13.15 4.21
C GLY A 81 0.17 13.35 5.70
N ASP A 82 1.19 13.96 6.27
CA ASP A 82 1.25 14.19 7.71
C ASP A 82 0.29 15.28 8.18
N GLN A 83 -0.21 15.14 9.40
CA GLN A 83 -1.16 16.11 9.92
C GLN A 83 -0.48 17.05 10.94
N VAL A 84 -0.60 18.36 10.75
CA VAL A 84 0.19 19.31 11.54
C VAL A 84 -0.59 20.48 12.14
N VAL A 85 0.04 21.15 13.10
CA VAL A 85 -0.45 22.39 13.67
C VAL A 85 0.52 23.49 13.24
N TRP A 86 -0.02 24.60 12.74
CA TRP A 86 0.80 25.68 12.17
C TRP A 86 0.20 27.06 12.48
N ARG A 87 0.99 28.11 12.30
CA ARG A 87 0.46 29.48 12.44
C ARG A 87 0.83 30.29 11.20
N ALA A 88 0.02 31.31 10.88
CA ALA A 88 0.22 32.08 9.66
C ALA A 88 0.96 33.40 9.88
N GLY A 89 1.48 33.97 8.79
CA GLY A 89 2.17 35.24 8.83
C GLY A 89 2.25 35.91 7.47
N GLY A 92 2.57 35.73 3.31
CA GLY A 92 1.81 34.50 3.11
C GLY A 92 2.55 33.26 3.57
N ILE A 93 3.61 33.46 4.34
CA ILE A 93 4.41 32.34 4.85
C ILE A 93 4.01 31.99 6.28
N GLY A 94 3.83 30.71 6.55
CA GLY A 94 3.50 30.25 7.90
C GLY A 94 4.68 29.62 8.63
N VAL A 95 4.42 29.07 9.82
CA VAL A 95 5.40 28.31 10.59
C VAL A 95 4.73 27.03 11.08
N ILE A 96 5.28 25.87 10.74
CA ILE A 96 4.73 24.63 11.27
C ILE A 96 5.14 24.51 12.74
N VAL A 97 4.14 24.46 13.61
CA VAL A 97 4.35 24.48 15.06
C VAL A 97 4.46 23.07 15.68
N ALA A 98 3.51 22.19 15.39
CA ALA A 98 3.52 20.83 15.94
C ALA A 98 3.01 19.79 14.95
N GLN A 99 3.42 18.54 15.16
CA GLN A 99 2.97 17.43 14.31
C GLN A 99 1.99 16.56 15.08
N LEU A 100 0.81 16.32 14.50
CA LEU A 100 -0.18 15.44 15.09
C LEU A 100 0.17 13.99 14.77
N PRO A 101 -0.17 13.06 15.68
CA PRO A 101 0.16 11.63 15.54
C PRO A 101 -0.24 11.02 14.19
N ARG A 102 0.62 10.15 13.66
CA ARG A 102 0.29 9.47 12.40
C ARG A 102 -0.49 8.19 12.67
N ARG A 103 -1.46 7.91 11.80
CA ARG A 103 -2.24 6.69 11.87
C ARG A 103 -1.52 5.56 11.16
N SER A 104 -0.66 5.93 10.20
CA SER A 104 0.06 4.96 9.40
C SER A 104 1.31 5.57 8.75
N GLU A 105 2.16 4.70 8.21
CA GLU A 105 3.43 5.11 7.62
C GLU A 105 3.85 4.24 6.45
N LEU A 106 4.13 4.86 5.31
CA LEU A 106 4.75 4.16 4.20
C LEU A 106 6.24 4.45 4.14
N CYS A 107 7.05 3.43 4.42
CA CYS A 107 8.49 3.59 4.38
C CYS A 107 9.09 3.17 3.04
N ARG A 108 10.34 3.56 2.82
CA ARG A 108 11.10 3.26 1.61
C ARG A 108 12.61 3.21 1.95
N PRO A 109 13.39 2.38 1.21
CA PRO A 109 14.80 2.17 1.56
C PRO A 109 15.67 3.42 1.37
N ASP A 110 16.56 3.64 2.33
CA ASP A 110 17.43 4.80 2.35
C ASP A 110 18.61 4.64 1.39
N MET A 111 19.36 5.74 1.21
CA MET A 111 20.61 5.74 0.48
C MET A 111 21.58 4.67 1.01
N ARG A 112 21.46 4.38 2.31
CA ARG A 112 22.23 3.33 3.01
C ARG A 112 21.63 1.93 2.79
N GLY A 113 20.33 1.82 3.02
CA GLY A 113 19.55 0.62 2.83
C GLY A 113 18.52 0.44 3.91
N LEU A 114 18.30 1.49 4.69
CA LEU A 114 17.36 1.47 5.82
C LEU A 114 16.01 2.07 5.43
N LEU A 115 14.95 1.70 6.13
CA LEU A 115 13.61 2.20 5.81
C LEU A 115 13.30 3.53 6.52
N LYS A 116 13.12 4.57 5.71
CA LYS A 116 12.69 5.87 6.21
C LYS A 116 11.33 6.19 5.63
N PRO A 117 10.43 6.79 6.42
CA PRO A 117 9.07 7.03 5.94
C PRO A 117 9.06 8.00 4.76
N VAL A 118 8.14 7.79 3.83
CA VAL A 118 8.08 8.63 2.65
C VAL A 118 6.66 9.18 2.48
N ALA A 119 5.71 8.61 3.22
CA ALA A 119 4.32 9.11 3.29
C ALA A 119 3.67 8.82 4.65
N ALA A 120 2.65 9.59 5.02
CA ALA A 120 1.97 9.39 6.31
C ALA A 120 0.44 9.32 6.18
N ASN A 121 -0.19 8.53 7.05
CA ASN A 121 -1.64 8.50 7.12
C ASN A 121 -2.28 7.98 5.83
N VAL A 122 -1.68 6.97 5.22
CA VAL A 122 -2.28 6.25 4.11
C VAL A 122 -3.11 5.09 4.68
N ASP A 123 -4.38 5.01 4.30
CA ASP A 123 -5.24 3.97 4.85
C ASP A 123 -5.56 2.91 3.80
N ARG A 124 -5.03 3.09 2.60
CA ARG A 124 -5.21 2.09 1.56
C ARG A 124 -4.01 2.05 0.61
N ILE A 125 -3.54 0.84 0.34
CA ILE A 125 -2.53 0.58 -0.68
C ILE A 125 -3.19 -0.16 -1.85
N VAL A 126 -3.13 0.43 -3.05
CA VAL A 126 -3.76 -0.17 -4.22
C VAL A 126 -2.71 -0.96 -5.00
N ILE A 127 -2.83 -2.29 -4.96
CA ILE A 127 -1.85 -3.18 -5.60
C ILE A 127 -2.30 -3.55 -7.03
N VAL A 128 -1.63 -3.01 -8.04
CA VAL A 128 -2.11 -3.15 -9.40
C VAL A 128 -1.28 -4.10 -10.26
N PHE A 129 -1.97 -5.08 -10.84
CA PHE A 129 -1.38 -6.00 -11.78
C PHE A 129 -2.29 -6.11 -13.00
N ALA A 130 -1.91 -6.94 -13.96
CA ALA A 130 -2.63 -7.02 -15.21
C ALA A 130 -2.36 -8.34 -15.92
N PRO A 131 -3.18 -8.69 -16.93
CA PRO A 131 -2.86 -9.87 -17.74
C PRO A 131 -1.49 -9.78 -18.43
N ARG A 132 -1.09 -8.58 -18.83
CA ARG A 132 0.23 -8.34 -19.41
C ARG A 132 0.80 -7.08 -18.78
N PRO A 133 2.00 -7.18 -18.17
CA PRO A 133 2.84 -8.38 -18.09
C PRO A 133 2.28 -9.40 -17.11
N GLU A 134 2.67 -10.66 -17.26
CA GLU A 134 2.08 -11.76 -16.48
C GLU A 134 2.14 -11.50 -14.98
N PRO A 135 1.02 -11.73 -14.28
CA PRO A 135 0.93 -11.60 -12.82
C PRO A 135 1.38 -12.86 -12.09
N HIS A 136 2.28 -12.73 -11.12
CA HIS A 136 2.67 -13.89 -10.33
C HIS A 136 2.14 -13.78 -8.91
N ALA A 137 1.73 -14.91 -8.35
CA ALA A 137 1.32 -14.95 -6.95
C ALA A 137 2.44 -14.40 -6.06
N ASN A 138 3.68 -14.80 -6.35
CA ASN A 138 4.85 -14.42 -5.57
C ASN A 138 4.97 -12.92 -5.32
N LEU A 139 4.87 -12.10 -6.37
CA LEU A 139 4.98 -10.65 -6.18
C LEU A 139 3.74 -10.07 -5.51
N ILE A 140 2.58 -10.65 -5.80
CA ILE A 140 1.34 -10.21 -5.16
C ILE A 140 1.36 -10.54 -3.68
N ASP A 141 1.83 -11.74 -3.35
CA ASP A 141 1.91 -12.16 -1.96
C ASP A 141 2.88 -11.28 -1.21
N ARG A 142 3.83 -10.70 -1.95
CA ARG A 142 4.82 -9.78 -1.38
C ARG A 142 4.21 -8.42 -1.04
N TYR A 143 3.49 -7.84 -2.00
CA TYR A 143 2.86 -6.55 -1.78
C TYR A 143 1.82 -6.66 -0.66
N LEU A 144 1.24 -7.85 -0.51
CA LEU A 144 0.25 -8.08 0.54
C LEU A 144 0.92 -8.04 1.91
N ILE A 145 2.16 -8.52 1.95
CA ILE A 145 2.94 -8.53 3.18
C ILE A 145 3.34 -7.11 3.56
N ALA A 146 3.84 -6.37 2.56
CA ALA A 146 4.19 -4.96 2.74
C ALA A 146 3.04 -4.18 3.36
N ALA A 147 1.85 -4.37 2.78
CA ALA A 147 0.65 -3.70 3.28
C ALA A 147 0.41 -4.05 4.74
N GLU A 148 0.68 -5.30 5.12
CA GLU A 148 0.53 -5.70 6.51
C GLU A 148 1.64 -5.10 7.38
N HIS A 149 2.88 -5.10 6.88
CA HIS A 149 4.03 -4.56 7.60
C HIS A 149 3.81 -3.06 7.88
N ALA A 150 3.28 -2.37 6.88
CA ALA A 150 2.99 -0.94 6.98
C ALA A 150 1.75 -0.65 7.82
N GLY A 151 0.99 -1.69 8.15
CA GLY A 151 -0.25 -1.55 8.89
C GLY A 151 -1.37 -0.89 8.09
N ILE A 152 -1.30 -1.01 6.77
CA ILE A 152 -2.25 -0.38 5.88
C ILE A 152 -3.04 -1.41 5.06
N GLN A 153 -4.37 -1.29 5.05
CA GLN A 153 -5.22 -2.22 4.29
C GLN A 153 -4.95 -2.15 2.78
N PRO A 154 -4.86 -3.32 2.13
CA PRO A 154 -4.63 -3.36 0.69
C PRO A 154 -5.91 -3.34 -0.12
N LEU A 155 -5.75 -3.15 -1.43
CA LEU A 155 -6.84 -3.27 -2.39
C LEU A 155 -6.24 -3.72 -3.71
N LEU A 156 -6.60 -4.92 -4.14
CA LEU A 156 -6.01 -5.48 -5.35
C LEU A 156 -6.74 -4.99 -6.59
N LEU A 157 -6.00 -4.80 -7.68
CA LEU A 157 -6.56 -4.26 -8.91
C LEU A 157 -6.11 -5.04 -10.15
N LEU A 158 -7.04 -5.73 -10.79
CA LEU A 158 -6.74 -6.30 -12.10
C LEU A 158 -6.95 -5.23 -13.14
N ASN A 159 -5.87 -4.54 -13.49
CA ASN A 159 -5.94 -3.58 -14.58
C ASN A 159 -5.88 -4.33 -15.91
N LYS A 160 -6.19 -3.63 -17.00
CA LYS A 160 -6.19 -4.20 -18.33
C LYS A 160 -7.13 -5.40 -18.42
N ALA A 161 -8.36 -5.21 -17.96
CA ALA A 161 -9.34 -6.29 -17.98
C ALA A 161 -9.88 -6.48 -19.39
N ASP A 162 -9.65 -5.47 -20.23
CA ASP A 162 -10.02 -5.54 -21.64
C ASP A 162 -9.22 -6.60 -22.38
N LEU A 163 -8.14 -7.07 -21.75
CA LEU A 163 -7.27 -8.08 -22.34
C LEU A 163 -7.55 -9.50 -21.82
N VAL A 164 -8.67 -9.67 -21.11
CA VAL A 164 -8.99 -10.97 -20.57
C VAL A 164 -9.74 -11.83 -21.58
N ASP A 165 -8.96 -12.60 -22.32
CA ASP A 165 -9.45 -13.53 -23.32
C ASP A 165 -9.95 -14.79 -22.69
N GLU A 166 -10.73 -15.56 -23.43
CA GLU A 166 -11.23 -16.80 -22.91
C GLU A 166 -10.05 -17.69 -22.63
N SER A 167 -8.97 -17.52 -23.38
CA SER A 167 -7.79 -18.35 -23.17
C SER A 167 -7.19 -18.21 -21.77
N ASN A 168 -7.01 -16.95 -21.37
CA ASN A 168 -6.48 -16.52 -20.09
C ASN A 168 -7.27 -16.81 -18.83
N ALA A 169 -8.59 -16.82 -18.96
CA ALA A 169 -9.46 -16.93 -17.81
C ALA A 169 -9.26 -18.13 -16.90
N GLU A 170 -8.93 -19.29 -17.43
CA GLU A 170 -8.73 -20.43 -16.56
C GLU A 170 -7.59 -20.08 -15.63
N GLY A 171 -6.53 -19.54 -16.20
CA GLY A 171 -5.36 -19.14 -15.43
C GLY A 171 -5.55 -17.88 -14.61
N ILE A 172 -6.37 -16.95 -15.11
CA ILE A 172 -6.59 -15.68 -14.43
C ILE A 172 -7.62 -15.77 -13.30
N ASP A 173 -8.80 -16.32 -13.58
CA ASP A 173 -9.84 -16.39 -12.56
C ASP A 173 -9.35 -17.25 -11.41
N ALA A 174 -8.44 -18.17 -11.72
CA ALA A 174 -7.82 -19.00 -10.70
C ALA A 174 -7.08 -18.17 -9.66
N LEU A 175 -6.19 -17.29 -10.12
CA LEU A 175 -5.37 -16.48 -9.23
C LEU A 175 -6.18 -15.40 -8.52
N LEU A 176 -7.11 -14.77 -9.23
CA LEU A 176 -7.99 -13.77 -8.63
C LEU A 176 -8.76 -14.35 -7.45
N ASN A 177 -9.28 -15.57 -7.63
CA ASN A 177 -10.11 -16.17 -6.61
C ASN A 177 -9.30 -16.82 -5.48
N VAL A 178 -7.98 -16.68 -5.54
CA VAL A 178 -7.13 -17.06 -4.41
C VAL A 178 -7.16 -15.93 -3.40
N TYR A 179 -7.16 -14.69 -3.88
CA TYR A 179 -7.23 -13.53 -3.00
C TYR A 179 -8.67 -13.14 -2.71
N ARG A 180 -9.59 -13.59 -3.54
CA ARG A 180 -11.02 -13.40 -3.27
C ARG A 180 -11.48 -14.24 -2.09
N THR A 181 -10.91 -15.43 -1.95
CA THR A 181 -11.32 -16.35 -0.90
C THR A 181 -10.55 -16.11 0.40
N LEU A 182 -9.56 -15.21 0.36
CA LEU A 182 -8.87 -14.78 1.58
C LEU A 182 -9.56 -13.57 2.22
N GLY A 183 -10.60 -13.06 1.57
CA GLY A 183 -11.37 -11.95 2.10
C GLY A 183 -10.91 -10.61 1.57
N TYR A 184 -9.96 -10.64 0.63
CA TYR A 184 -9.37 -9.42 0.10
C TYR A 184 -10.24 -8.74 -0.95
N PRO A 185 -10.33 -7.40 -0.88
CA PRO A 185 -11.07 -6.62 -1.87
C PRO A 185 -10.37 -6.68 -3.23
N LEU A 186 -11.10 -7.00 -4.30
CA LEU A 186 -10.53 -7.06 -5.65
C LEU A 186 -11.49 -6.49 -6.68
N ILE A 187 -10.95 -5.68 -7.60
CA ILE A 187 -11.73 -5.11 -8.71
C ILE A 187 -11.00 -5.35 -10.04
N GLU A 188 -11.75 -5.73 -11.09
CA GLU A 188 -11.20 -5.88 -12.44
C GLU A 188 -11.54 -4.64 -13.27
N VAL A 189 -10.52 -3.95 -13.77
CA VAL A 189 -10.73 -2.68 -14.46
C VAL A 189 -9.97 -2.53 -15.77
N SER A 190 -10.32 -1.49 -16.52
CA SER A 190 -9.55 -1.08 -17.66
C SER A 190 -9.42 0.43 -17.75
N ALA A 191 -8.22 0.94 -17.57
CA ALA A 191 -7.92 2.34 -17.82
C ALA A 191 -7.89 2.62 -19.32
N PHE A 192 -8.14 1.60 -20.14
CA PHE A 192 -8.29 1.77 -21.59
C PHE A 192 -9.77 1.90 -21.94
N ASN A 193 -10.55 0.88 -21.58
CA ASN A 193 -12.01 0.87 -21.76
C ASN A 193 -12.70 1.94 -20.93
N GLY A 194 -12.44 1.89 -19.63
CA GLY A 194 -13.21 2.66 -18.65
C GLY A 194 -14.01 1.69 -17.79
N LEU A 195 -13.86 0.40 -18.10
CA LEU A 195 -14.58 -0.67 -17.41
C LEU A 195 -14.40 -0.62 -15.91
N ALA A 196 -15.52 -0.36 -15.20
CA ALA A 196 -15.59 -0.38 -13.73
C ALA A 196 -14.74 0.68 -13.05
N MET A 197 -14.60 1.83 -13.68
CA MET A 197 -13.81 2.92 -13.09
C MET A 197 -14.59 3.70 -12.04
N ASP A 198 -15.91 3.77 -12.16
CA ASP A 198 -16.72 4.51 -11.20
C ASP A 198 -16.90 3.74 -9.89
N GLU A 199 -16.42 2.50 -9.88
CA GLU A 199 -16.42 1.67 -8.68
C GLU A 199 -15.10 1.88 -7.94
N LEU A 200 -14.05 2.02 -8.72
CA LEU A 200 -12.72 2.35 -8.19
C LEU A 200 -12.75 3.73 -7.57
N ARG A 201 -13.28 4.71 -8.31
CA ARG A 201 -13.48 6.06 -7.79
C ARG A 201 -14.28 6.02 -6.48
N GLY A 202 -15.21 5.07 -6.40
CA GLY A 202 -15.98 4.87 -5.20
C GLY A 202 -15.19 4.18 -4.11
N ALA A 203 -14.35 3.24 -4.53
CA ALA A 203 -13.51 2.51 -3.58
C ALA A 203 -12.46 3.43 -2.98
N LEU A 204 -12.09 4.46 -3.75
CA LEU A 204 -11.06 5.37 -3.33
C LEU A 204 -11.63 6.55 -2.55
N ASP A 205 -12.95 6.75 -2.65
CA ASP A 205 -13.62 7.84 -1.94
C ASP A 205 -13.42 7.74 -0.43
N GLY A 206 -13.10 8.87 0.20
CA GLY A 206 -12.95 8.92 1.64
C GLY A 206 -11.70 8.27 2.20
N HIS A 207 -10.78 7.86 1.33
CA HIS A 207 -9.53 7.23 1.78
C HIS A 207 -8.31 7.99 1.25
N VAL A 208 -7.15 7.72 1.85
CA VAL A 208 -5.89 8.22 1.32
C VAL A 208 -5.14 7.01 0.76
N SER A 209 -4.88 7.04 -0.54
CA SER A 209 -4.50 5.83 -1.26
C SER A 209 -3.16 5.95 -2.00
N VAL A 210 -2.50 4.82 -2.16
CA VAL A 210 -1.19 4.76 -2.77
C VAL A 210 -1.22 3.74 -3.91
N PHE A 211 -0.63 4.08 -5.06
CA PHE A 211 -0.67 3.15 -6.18
C PHE A 211 0.67 2.44 -6.37
N VAL A 212 0.63 1.11 -6.23
CA VAL A 212 1.84 0.29 -6.15
C VAL A 212 1.67 -0.97 -7.01
N GLY A 213 2.72 -1.33 -7.75
CA GLY A 213 2.71 -2.51 -8.60
C GLY A 213 3.93 -2.57 -9.52
N GLN A 214 4.20 -3.74 -10.10
CA GLN A 214 5.28 -3.91 -11.06
C GLN A 214 5.12 -2.93 -12.21
N SER A 215 6.22 -2.52 -12.85
CA SER A 215 6.11 -1.52 -13.91
C SER A 215 5.41 -2.11 -15.14
N GLY A 216 4.67 -1.25 -15.85
CA GLY A 216 3.94 -1.68 -17.02
C GLY A 216 2.56 -2.29 -16.78
N VAL A 217 1.98 -2.09 -15.60
CA VAL A 217 0.61 -2.57 -15.34
C VAL A 217 -0.43 -1.47 -15.51
N GLY A 218 0.03 -0.23 -15.69
CA GLY A 218 -0.86 0.88 -15.98
C GLY A 218 -1.08 1.86 -14.85
N LYS A 219 -0.11 1.96 -13.94
CA LYS A 219 -0.21 2.85 -12.80
C LYS A 219 -0.32 4.30 -13.25
N SER A 220 0.54 4.70 -14.18
CA SER A 220 0.45 6.04 -14.72
C SER A 220 -0.89 6.28 -15.41
N SER A 221 -1.28 5.33 -16.27
CA SER A 221 -2.52 5.40 -17.03
C SER A 221 -3.74 5.51 -16.13
N LEU A 222 -3.66 4.86 -14.97
CA LEU A 222 -4.75 4.85 -14.01
C LEU A 222 -4.89 6.18 -13.26
N VAL A 223 -3.77 6.68 -12.74
CA VAL A 223 -3.75 7.99 -12.11
C VAL A 223 -4.32 9.06 -13.04
N ASN A 224 -3.76 9.13 -14.24
CA ASN A 224 -4.22 10.06 -15.26
C ASN A 224 -5.71 9.94 -15.52
N ALA A 225 -6.24 8.72 -15.45
CA ALA A 225 -7.66 8.50 -15.67
C ALA A 225 -8.49 8.99 -14.49
N LEU A 226 -7.90 9.00 -13.29
CA LEU A 226 -8.63 9.42 -12.10
C LEU A 226 -8.33 10.87 -11.80
N LEU A 227 -7.21 11.37 -12.31
CA LEU A 227 -6.89 12.80 -12.22
C LEU A 227 -6.51 13.35 -13.61
N PRO A 228 -7.52 13.65 -14.44
CA PRO A 228 -7.30 14.11 -15.82
C PRO A 228 -6.36 15.30 -15.94
N GLY A 229 -6.50 16.27 -15.05
CA GLY A 229 -5.62 17.42 -15.02
C GLY A 229 -5.23 17.80 -13.60
N THR A 250 9.37 14.44 -5.07
CA THR A 250 9.01 13.74 -3.84
C THR A 250 7.51 13.54 -3.79
N ALA A 251 7.04 12.89 -2.72
CA ALA A 251 5.63 12.62 -2.54
C ALA A 251 4.78 13.90 -2.55
N ARG A 252 3.73 13.92 -3.38
CA ARG A 252 2.80 15.04 -3.39
C ARG A 252 1.38 14.49 -3.12
N LEU A 253 0.49 15.33 -2.60
CA LEU A 253 -0.87 14.89 -2.33
C LEU A 253 -1.87 15.55 -3.26
N PHE A 254 -2.69 14.73 -3.91
CA PHE A 254 -3.73 15.20 -4.80
C PHE A 254 -5.06 14.71 -4.31
N HIS A 255 -6.14 15.38 -4.70
CA HIS A 255 -7.49 14.98 -4.29
C HIS A 255 -8.27 14.48 -5.50
N PHE A 256 -8.91 13.32 -5.37
CA PHE A 256 -9.73 12.83 -6.46
C PHE A 256 -10.97 13.69 -6.51
N PRO A 257 -11.45 13.99 -7.72
CA PRO A 257 -12.69 14.74 -7.92
C PRO A 257 -13.94 14.03 -7.37
N GLY A 258 -13.98 12.71 -7.50
CA GLY A 258 -15.09 11.93 -6.96
C GLY A 258 -15.05 11.84 -5.44
N GLY A 259 -13.86 12.00 -4.88
CA GLY A 259 -13.69 11.95 -3.44
C GLY A 259 -12.43 11.18 -3.11
N GLY A 260 -11.85 11.44 -1.95
CA GLY A 260 -10.63 10.77 -1.56
C GLY A 260 -9.39 11.50 -2.04
N ASP A 261 -8.23 11.10 -1.50
CA ASP A 261 -6.96 11.72 -1.83
C ASP A 261 -5.94 10.70 -2.33
N LEU A 262 -4.87 11.19 -2.93
CA LEU A 262 -3.78 10.35 -3.42
C LEU A 262 -2.43 10.95 -3.07
N ILE A 263 -1.47 10.10 -2.73
CA ILE A 263 -0.10 10.55 -2.50
C ILE A 263 0.77 9.79 -3.51
N ASP A 264 1.47 10.52 -4.38
CA ASP A 264 2.21 9.91 -5.49
C ASP A 264 3.65 10.39 -5.61
N SER A 265 4.50 9.48 -6.10
CA SER A 265 5.88 9.78 -6.45
C SER A 265 6.46 8.56 -7.14
N PRO A 266 7.37 8.77 -8.10
CA PRO A 266 8.09 7.66 -8.74
C PRO A 266 8.71 6.66 -7.74
N GLY A 267 9.07 7.14 -6.55
CA GLY A 267 9.66 6.29 -5.52
C GLY A 267 8.66 5.40 -4.80
N ILE A 268 7.49 5.96 -4.52
CA ILE A 268 6.37 5.25 -3.89
C ILE A 268 5.81 4.19 -4.84
N ARG A 269 5.91 4.45 -6.14
CA ARG A 269 5.47 3.48 -7.15
C ARG A 269 6.32 2.23 -7.12
N GLU A 270 7.62 2.39 -6.82
CA GLU A 270 8.52 1.25 -6.69
C GLU A 270 8.46 0.62 -5.29
N PHE A 271 7.54 1.10 -4.45
CA PHE A 271 7.38 0.54 -3.09
C PHE A 271 7.02 -0.94 -3.13
N GLY A 272 7.78 -1.73 -2.39
CA GLY A 272 7.50 -3.14 -2.27
C GLY A 272 8.07 -3.73 -0.99
N LEU A 273 8.69 -4.90 -1.12
CA LEU A 273 9.19 -5.62 0.03
C LEU A 273 10.67 -5.95 -0.10
N GLY A 274 11.45 -5.52 0.89
CA GLY A 274 12.84 -5.93 1.00
C GLY A 274 12.94 -7.06 2.02
N HIS A 275 14.08 -7.16 2.70
CA HIS A 275 14.30 -8.25 3.63
C HIS A 275 13.73 -7.96 5.01
N VAL A 276 13.05 -8.96 5.58
CA VAL A 276 12.38 -8.81 6.87
C VAL A 276 12.56 -10.07 7.74
N SER A 277 11.72 -10.25 8.76
CA SER A 277 11.81 -11.43 9.62
C SER A 277 10.87 -12.53 9.16
N ARG A 278 11.16 -13.77 9.53
CA ARG A 278 10.27 -14.89 9.24
C ARG A 278 8.91 -14.67 9.88
N ASP A 279 8.93 -14.11 11.09
CA ASP A 279 7.69 -13.85 11.84
C ASP A 279 6.94 -12.67 11.26
N ASP A 280 7.65 -11.79 10.54
CA ASP A 280 6.99 -10.74 9.77
C ASP A 280 6.26 -11.40 8.60
N VAL A 281 6.99 -12.19 7.80
CA VAL A 281 6.43 -12.87 6.63
C VAL A 281 5.21 -13.73 6.95
N GLU A 282 5.32 -14.53 8.01
CA GLU A 282 4.21 -15.37 8.45
C GLU A 282 2.97 -14.53 8.77
N ALA A 283 3.18 -13.35 9.38
CA ALA A 283 2.08 -12.45 9.73
C ALA A 283 1.44 -11.86 8.49
N GLY A 284 2.15 -11.98 7.37
CA GLY A 284 1.68 -11.49 6.08
C GLY A 284 0.70 -12.45 5.42
N PHE A 285 0.48 -13.58 6.06
CA PHE A 285 -0.47 -14.53 5.53
C PHE A 285 -1.59 -14.62 6.54
N ILE A 286 -2.78 -14.23 6.14
CA ILE A 286 -3.93 -14.24 7.03
C ILE A 286 -4.28 -15.62 7.52
N GLU A 287 -4.13 -16.61 6.66
CA GLU A 287 -4.46 -17.97 7.04
C GLU A 287 -3.57 -18.32 8.20
N PHE A 288 -2.32 -17.93 8.09
CA PHE A 288 -1.33 -18.17 9.11
C PHE A 288 -1.55 -17.47 10.45
N ARG A 289 -1.90 -16.20 10.39
CA ARG A 289 -2.01 -15.43 11.62
C ARG A 289 -2.81 -16.12 12.70
N ASP A 290 -3.94 -16.69 12.35
CA ASP A 290 -4.72 -17.38 13.37
C ASP A 290 -4.06 -18.61 14.01
N LEU A 291 -3.47 -19.48 13.22
CA LEU A 291 -2.80 -20.69 13.73
C LEU A 291 -1.47 -20.64 14.48
N LEU A 292 -0.55 -19.82 14.00
CA LEU A 292 0.83 -19.69 14.50
C LEU A 292 0.91 -19.69 16.03
N GLY A 293 1.62 -20.68 16.57
CA GLY A 293 1.72 -20.87 18.02
C GLY A 293 0.88 -22.04 18.51
N HIS A 294 0.47 -22.87 17.56
CA HIS A 294 -0.31 -24.04 17.86
C HIS A 294 0.41 -25.27 17.37
N CYS A 295 1.49 -25.07 16.60
CA CYS A 295 2.28 -26.19 16.15
C CYS A 295 2.93 -26.58 17.46
N ARG A 296 2.94 -27.86 17.83
CA ARG A 296 3.47 -28.25 19.14
C ARG A 296 4.90 -27.80 19.33
N PHE A 297 5.71 -28.06 18.32
CA PHE A 297 7.10 -27.63 18.30
C PHE A 297 7.13 -26.09 18.21
N ARG A 298 7.52 -25.42 19.29
CA ARG A 298 7.61 -23.96 19.28
C ARG A 298 8.76 -23.53 18.37
N ASP A 299 9.53 -24.53 17.96
CA ASP A 299 10.65 -24.37 17.06
C ASP A 299 10.29 -24.84 15.65
N CYS A 300 9.01 -25.11 15.41
CA CYS A 300 8.57 -25.65 14.11
C CYS A 300 8.93 -24.74 12.94
N LYS A 301 9.41 -25.37 11.88
CA LYS A 301 9.76 -24.69 10.66
C LYS A 301 8.69 -24.94 9.61
N HIS A 302 7.64 -25.65 9.99
CA HIS A 302 6.56 -25.93 9.05
C HIS A 302 7.01 -26.68 7.80
N ASP A 303 7.87 -27.67 7.98
CA ASP A 303 8.39 -28.44 6.88
C ASP A 303 8.69 -29.88 7.30
N ARG A 304 7.82 -30.81 6.95
CA ARG A 304 8.06 -32.20 7.29
C ARG A 304 7.94 -32.40 8.78
N GLU A 305 7.39 -31.41 9.48
CA GLU A 305 7.29 -31.53 10.91
C GLU A 305 5.88 -31.87 11.37
N PRO A 306 5.78 -33.07 12.06
CA PRO A 306 4.42 -33.39 12.50
C PRO A 306 4.04 -32.47 13.64
N GLY A 307 2.75 -32.27 13.82
CA GLY A 307 2.29 -31.34 14.83
C GLY A 307 2.32 -29.92 14.30
N CYS A 308 2.60 -29.76 13.01
CA CYS A 308 2.65 -28.43 12.40
C CYS A 308 1.19 -28.11 12.11
N ALA A 309 0.69 -27.07 12.74
CA ALA A 309 -0.70 -26.68 12.57
C ALA A 309 -0.97 -26.27 11.15
N LEU A 310 0.01 -25.63 10.55
CA LEU A 310 -0.12 -25.17 9.19
C LEU A 310 -0.30 -26.35 8.26
N LEU A 311 0.47 -27.41 8.50
CA LEU A 311 0.38 -28.59 7.66
C LEU A 311 -0.98 -29.24 7.73
N GLN A 312 -1.52 -29.34 8.93
CA GLN A 312 -2.83 -29.93 9.08
C GLN A 312 -3.82 -29.05 8.35
N ALA A 313 -3.60 -27.74 8.43
CA ALA A 313 -4.48 -26.81 7.77
C ALA A 313 -4.48 -26.98 6.27
N LEU A 314 -3.31 -27.22 5.69
CA LEU A 314 -3.24 -27.41 4.25
C LEU A 314 -4.02 -28.64 3.86
N GLU A 315 -3.86 -29.71 4.62
CA GLU A 315 -4.56 -30.96 4.39
C GLU A 315 -6.08 -30.74 4.35
N ASP A 316 -6.57 -30.00 5.34
CA ASP A 316 -8.00 -29.72 5.47
C ASP A 316 -8.46 -28.71 4.43
N GLY A 317 -7.50 -28.00 3.84
CA GLY A 317 -7.80 -27.06 2.78
C GLY A 317 -8.01 -25.65 3.28
N ARG A 318 -7.50 -25.38 4.47
CA ARG A 318 -7.61 -24.06 5.06
C ARG A 318 -6.40 -23.21 4.66
N ILE A 319 -5.43 -23.85 4.04
CA ILE A 319 -4.34 -23.15 3.36
C ILE A 319 -4.32 -23.67 1.92
N MET A 320 -4.16 -22.77 0.96
CA MET A 320 -4.08 -23.16 -0.45
C MET A 320 -2.63 -23.36 -0.86
N PRO A 321 -2.35 -24.44 -1.60
CA PRO A 321 -0.99 -24.83 -2.03
C PRO A 321 -0.25 -23.73 -2.79
N GLN A 322 -0.98 -22.92 -3.54
CA GLN A 322 -0.45 -21.75 -4.23
C GLN A 322 0.17 -20.76 -3.24
N ARG A 323 -0.39 -20.73 -2.04
CA ARG A 323 0.04 -19.80 -1.00
C ARG A 323 1.14 -20.42 -0.17
N MET A 324 0.96 -21.70 0.16
CA MET A 324 1.95 -22.40 0.96
C MET A 324 3.25 -22.52 0.19
N ALA A 325 3.18 -22.34 -1.13
CA ALA A 325 4.36 -22.38 -1.98
C ALA A 325 5.14 -21.07 -1.94
N SER A 326 4.44 -19.97 -2.20
CA SER A 326 5.13 -18.69 -2.22
C SER A 326 5.60 -18.33 -0.82
N TYR A 327 4.97 -18.89 0.21
CA TYR A 327 5.48 -18.75 1.58
C TYR A 327 6.89 -19.34 1.67
N ARG A 328 7.06 -20.52 1.09
CA ARG A 328 8.35 -21.18 1.08
C ARG A 328 9.34 -20.46 0.17
N HIS A 329 8.89 -20.09 -1.03
CA HIS A 329 9.71 -19.39 -2.01
C HIS A 329 10.21 -18.04 -1.44
N ILE A 330 9.32 -17.29 -0.81
CA ILE A 330 9.67 -15.97 -0.27
C ILE A 330 10.56 -16.05 0.96
N LEU A 331 10.21 -16.91 1.91
CA LEU A 331 10.95 -17.03 3.15
C LEU A 331 12.37 -17.49 2.88
N ALA A 332 12.53 -18.30 1.84
CA ALA A 332 13.84 -18.79 1.44
C ALA A 332 14.59 -17.75 0.61
N SER A 333 13.96 -16.60 0.41
CA SER A 333 14.62 -15.47 -0.26
C SER A 333 15.07 -14.46 0.78
N MET A 334 14.69 -14.69 2.03
CA MET A 334 15.10 -13.82 3.13
C MET A 334 16.27 -14.45 3.88
N PRO A 335 17.28 -13.64 4.25
CA PRO A 335 18.48 -14.10 4.97
C PRO A 335 18.31 -14.07 6.49
#